data_4P5P
#
_entry.id   4P5P
#
_cell.length_a   44.439
_cell.length_b   44.439
_cell.length_c   183.454
_cell.angle_alpha   90.000
_cell.angle_beta   90.000
_cell.angle_gamma   120.000
#
_symmetry.space_group_name_H-M   'P 32 2 1'
#
loop_
_entity.id
_entity.type
_entity.pdbx_description
1 polymer 'ThiJ/PfpI family protein'
2 water water
#
_entity_poly.entity_id   1
_entity_poly.type   'polypeptide(L)'
_entity_poly.pdbx_seq_one_letter_code
;MKNVLMVTTSHDVMGNSNEKTGLWLSELTHPYYSIIDKNINIDIVSIMGGEIPIDPNSVAQEDYYNDKFLADDNLKNIMK
NSTSLRDVNIKEYDAIIFAGGHGTMWDFPNNANIHSKVLDIYAKNGVIGAI(CSD)HGVAALINVKDNNGQNIIRDKEVT
GFSNNEEKIVGLTDVVPFSLEDSLVEAGAKYSSASEWQSYVKSDSKIITAQNPQSATDFAKAIKQSLFN
;
_entity_poly.pdbx_strand_id   A
#
# COMPACT_ATOMS: atom_id res chain seq x y z
N MET A 1 -19.50 13.03 1.99
CA MET A 1 -18.17 13.08 1.32
C MET A 1 -17.19 12.18 2.07
N LYS A 2 -16.59 11.23 1.37
CA LYS A 2 -15.56 10.37 1.95
C LYS A 2 -14.20 10.92 1.55
N ASN A 3 -13.21 10.74 2.40
CA ASN A 3 -11.86 11.20 2.12
CA ASN A 3 -11.86 11.21 2.14
C ASN A 3 -10.86 10.09 2.37
N VAL A 4 -10.10 9.74 1.31
CA VAL A 4 -9.19 8.62 1.32
C VAL A 4 -7.76 9.09 1.13
N LEU A 5 -6.85 8.58 1.96
CA LEU A 5 -5.42 8.89 1.86
C LEU A 5 -4.67 7.71 1.24
N MET A 6 -4.01 7.93 0.12
CA MET A 6 -3.18 6.92 -0.51
C MET A 6 -1.73 7.30 -0.29
N VAL A 7 -0.93 6.31 0.08
CA VAL A 7 0.46 6.48 0.50
C VAL A 7 1.41 5.66 -0.37
N THR A 8 2.46 6.31 -0.87
CA THR A 8 3.48 5.63 -1.66
C THR A 8 4.83 5.65 -0.99
N THR A 9 5.67 4.72 -1.40
CA THR A 9 7.09 4.74 -1.08
C THR A 9 7.79 5.98 -1.66
N SER A 10 8.94 6.31 -1.06
CA SER A 10 9.87 7.32 -1.58
C SER A 10 11.23 6.70 -1.91
N HIS A 11 11.36 5.39 -1.68
CA HIS A 11 12.64 4.70 -1.82
C HIS A 11 12.89 4.20 -3.24
N ASP A 12 13.99 4.63 -3.85
CA ASP A 12 14.17 4.43 -5.29
C ASP A 12 15.29 3.48 -5.70
N VAL A 13 15.96 2.83 -4.75
CA VAL A 13 17.04 1.90 -5.10
CA VAL A 13 17.04 1.90 -5.10
C VAL A 13 16.80 0.53 -4.49
N MET A 14 17.04 -0.49 -5.29
CA MET A 14 16.82 -1.87 -4.87
C MET A 14 17.99 -2.33 -4.00
N GLY A 15 17.95 -2.00 -2.73
CA GLY A 15 18.96 -2.48 -1.80
C GLY A 15 20.36 -1.95 -2.08
N ASN A 16 21.34 -2.84 -2.11
CA ASN A 16 22.74 -2.44 -2.33
C ASN A 16 23.14 -2.47 -3.81
N SER A 17 22.22 -2.88 -4.65
CA SER A 17 22.44 -2.83 -6.10
C SER A 17 22.23 -1.41 -6.62
N ASN A 18 22.47 -1.24 -7.92
CA ASN A 18 22.24 0.03 -8.58
C ASN A 18 20.87 0.04 -9.25
N GLU A 19 20.11 -1.04 -9.11
CA GLU A 19 18.81 -1.17 -9.76
C GLU A 19 17.82 -0.18 -9.17
N LYS A 20 17.09 0.51 -10.05
CA LYS A 20 16.07 1.44 -9.61
C LYS A 20 14.76 0.74 -9.25
N THR A 21 14.08 1.25 -8.24
CA THR A 21 12.77 0.73 -7.90
C THR A 21 11.91 1.89 -7.39
N GLY A 22 10.81 1.55 -6.73
CA GLY A 22 9.93 2.54 -6.16
C GLY A 22 8.52 2.02 -6.12
N LEU A 23 7.58 2.87 -6.48
CA LEU A 23 6.17 2.54 -6.58
C LEU A 23 5.86 1.65 -7.78
N TRP A 24 4.98 0.67 -7.57
CA TRP A 24 4.39 -0.07 -8.69
C TRP A 24 3.20 0.75 -9.18
N LEU A 25 3.36 1.45 -10.30
CA LEU A 25 2.45 2.55 -10.61
C LEU A 25 0.97 2.18 -10.62
N SER A 26 0.60 1.04 -11.18
CA SER A 26 -0.81 0.70 -11.28
C SER A 26 -1.47 0.43 -9.92
N GLU A 27 -0.68 0.18 -8.88
CA GLU A 27 -1.24 0.00 -7.55
C GLU A 27 -1.64 1.32 -6.90
N LEU A 28 -1.17 2.42 -7.50
CA LEU A 28 -1.68 3.75 -7.20
C LEU A 28 -2.82 4.08 -8.16
N THR A 29 -2.59 3.95 -9.46
CA THR A 29 -3.53 4.53 -10.42
C THR A 29 -4.81 3.70 -10.57
N HIS A 30 -4.73 2.38 -10.50
CA HIS A 30 -5.94 1.60 -10.71
C HIS A 30 -6.90 1.76 -9.52
N PRO A 31 -6.41 1.66 -8.28
CA PRO A 31 -7.35 1.96 -7.19
C PRO A 31 -7.81 3.43 -7.16
N TYR A 32 -6.95 4.36 -7.56
CA TYR A 32 -7.35 5.76 -7.65
C TYR A 32 -8.58 5.93 -8.53
N TYR A 33 -8.51 5.44 -9.76
CA TYR A 33 -9.63 5.67 -10.67
C TYR A 33 -10.83 4.77 -10.36
N SER A 34 -10.61 3.65 -9.67
CA SER A 34 -11.71 2.76 -9.31
CA SER A 34 -11.71 2.76 -9.32
C SER A 34 -12.54 3.34 -8.18
N ILE A 35 -11.88 4.06 -7.27
CA ILE A 35 -12.52 4.56 -6.08
C ILE A 35 -13.08 5.98 -6.23
N ILE A 36 -12.36 6.85 -6.92
CA ILE A 36 -12.74 8.27 -6.98
C ILE A 36 -14.11 8.48 -7.63
N ASP A 37 -14.90 9.36 -7.03
CA ASP A 37 -16.12 9.85 -7.67
C ASP A 37 -16.52 11.16 -6.99
N LYS A 38 -17.69 11.70 -7.34
CA LYS A 38 -18.05 13.02 -6.84
C LYS A 38 -18.27 13.05 -5.32
N ASN A 39 -18.40 11.86 -4.71
CA ASN A 39 -18.59 11.80 -3.26
C ASN A 39 -17.41 11.15 -2.52
N ILE A 40 -16.35 10.82 -3.23
CA ILE A 40 -15.14 10.27 -2.62
C ILE A 40 -13.91 10.97 -3.16
N ASN A 41 -13.24 11.68 -2.25
CA ASN A 41 -12.03 12.40 -2.56
CA ASN A 41 -12.02 12.39 -2.57
C ASN A 41 -10.81 11.56 -2.21
N ILE A 42 -9.77 11.61 -3.04
CA ILE A 42 -8.54 10.92 -2.75
C ILE A 42 -7.37 11.90 -2.75
N ASP A 43 -6.61 11.88 -1.67
CA ASP A 43 -5.36 12.62 -1.58
C ASP A 43 -4.21 11.64 -1.58
N ILE A 44 -3.11 12.03 -2.20
CA ILE A 44 -1.93 11.18 -2.35
C ILE A 44 -0.74 11.81 -1.64
N VAL A 45 -0.01 11.00 -0.89
CA VAL A 45 1.24 11.41 -0.27
C VAL A 45 2.29 10.33 -0.44
N SER A 46 3.55 10.73 -0.26
CA SER A 46 4.65 9.78 -0.19
C SER A 46 5.31 9.88 1.17
N ILE A 47 6.19 8.94 1.45
CA ILE A 47 6.89 8.97 2.74
C ILE A 47 7.68 10.26 2.92
N MET A 48 8.46 10.65 1.92
CA MET A 48 9.40 11.75 2.10
CA MET A 48 9.40 11.74 2.08
C MET A 48 8.89 13.04 1.47
N GLY A 49 7.86 12.95 0.65
CA GLY A 49 7.46 14.10 -0.14
C GLY A 49 8.40 14.23 -1.34
N GLY A 50 8.10 15.17 -2.22
CA GLY A 50 8.92 15.36 -3.40
C GLY A 50 8.62 14.32 -4.47
N GLU A 51 9.64 13.94 -5.23
CA GLU A 51 9.40 13.12 -6.40
C GLU A 51 9.12 11.69 -5.98
N ILE A 52 8.01 11.14 -6.48
CA ILE A 52 7.64 9.77 -6.18
C ILE A 52 8.33 8.86 -7.19
N PRO A 53 9.24 7.98 -6.72
CA PRO A 53 9.94 7.11 -7.66
C PRO A 53 9.03 6.00 -8.20
N ILE A 54 9.14 5.74 -9.49
CA ILE A 54 8.35 4.69 -10.13
C ILE A 54 9.27 3.53 -10.53
N ASP A 55 8.94 2.31 -10.11
CA ASP A 55 9.75 1.17 -10.53
C ASP A 55 9.60 1.02 -12.04
N PRO A 56 10.71 1.05 -12.79
CA PRO A 56 10.55 1.01 -14.25
C PRO A 56 9.85 -0.24 -14.76
N ASN A 57 9.96 -1.34 -14.03
CA ASN A 57 9.29 -2.54 -14.46
C ASN A 57 7.77 -2.39 -14.45
N SER A 58 7.25 -1.44 -13.67
CA SER A 58 5.81 -1.27 -13.57
C SER A 58 5.24 -0.46 -14.74
N VAL A 59 6.11 0.17 -15.53
CA VAL A 59 5.67 0.94 -16.69
C VAL A 59 6.29 0.44 -18.01
N ALA A 60 6.97 -0.70 -17.95
CA ALA A 60 7.54 -1.30 -19.17
C ALA A 60 6.43 -1.61 -20.18
N GLN A 61 5.31 -2.10 -19.67
CA GLN A 61 4.14 -2.33 -20.51
C GLN A 61 3.21 -1.15 -20.45
N GLU A 62 2.71 -0.75 -21.61
CA GLU A 62 1.73 0.33 -21.67
C GLU A 62 0.46 -0.09 -20.92
N ASP A 63 -0.15 0.89 -20.25
CA ASP A 63 -1.36 0.67 -19.45
C ASP A 63 -2.23 1.91 -19.49
N TYR A 64 -3.50 1.71 -19.78
CA TYR A 64 -4.45 2.80 -19.99
C TYR A 64 -4.51 3.76 -18.79
N TYR A 65 -4.71 3.23 -17.59
CA TYR A 65 -4.91 4.11 -16.45
C TYR A 65 -3.59 4.74 -16.00
N ASN A 66 -2.47 4.04 -16.17
CA ASN A 66 -1.18 4.67 -15.89
C ASN A 66 -0.97 5.90 -16.77
N ASP A 67 -1.25 5.75 -18.05
CA ASP A 67 -1.10 6.86 -18.99
C ASP A 67 -2.07 7.99 -18.65
N LYS A 68 -3.31 7.65 -18.30
CA LYS A 68 -4.32 8.64 -17.95
C LYS A 68 -3.85 9.48 -16.77
N PHE A 69 -3.33 8.78 -15.76
CA PHE A 69 -2.84 9.41 -14.54
C PHE A 69 -1.71 10.39 -14.85
N LEU A 70 -0.76 9.95 -15.65
CA LEU A 70 0.43 10.74 -15.94
C LEU A 70 0.15 11.89 -16.89
N ALA A 71 -0.98 11.82 -17.60
CA ALA A 71 -1.36 12.89 -18.53
C ALA A 71 -2.11 14.03 -17.85
N ASP A 72 -2.59 13.80 -16.64
CA ASP A 72 -3.33 14.79 -15.86
C ASP A 72 -2.34 15.72 -15.17
N ASP A 73 -2.37 17.00 -15.50
CA ASP A 73 -1.38 17.96 -14.99
C ASP A 73 -1.33 18.00 -13.47
N ASN A 74 -2.50 17.91 -12.84
CA ASN A 74 -2.57 17.89 -11.39
C ASN A 74 -1.86 16.68 -10.80
N LEU A 75 -2.14 15.51 -11.38
CA LEU A 75 -1.58 14.26 -10.87
C LEU A 75 -0.10 14.13 -11.24
N LYS A 76 0.28 14.63 -12.41
CA LYS A 76 1.69 14.73 -12.74
C LYS A 76 2.46 15.54 -11.71
N ASN A 77 1.87 16.63 -11.24
CA ASN A 77 2.60 17.46 -10.29
C ASN A 77 2.64 16.83 -8.89
N ILE A 78 1.64 16.02 -8.54
CA ILE A 78 1.74 15.21 -7.33
C ILE A 78 2.97 14.29 -7.41
N MET A 79 3.16 13.66 -8.56
CA MET A 79 4.27 12.71 -8.69
C MET A 79 5.62 13.40 -8.63
N LYS A 80 5.67 14.68 -9.00
CA LYS A 80 6.93 15.42 -8.94
C LYS A 80 7.16 16.08 -7.59
N ASN A 81 6.07 16.63 -7.04
CA ASN A 81 6.09 17.48 -5.85
C ASN A 81 5.08 16.99 -4.83
N SER A 82 5.22 15.75 -4.41
CA SER A 82 4.25 15.19 -3.47
C SER A 82 4.40 15.77 -2.07
N THR A 83 3.28 15.80 -1.38
CA THR A 83 3.25 16.06 0.04
C THR A 83 3.75 14.83 0.81
N SER A 84 4.49 15.05 1.89
CA SER A 84 4.94 13.99 2.77
C SER A 84 3.83 13.54 3.71
N LEU A 85 3.81 12.25 4.01
CA LEU A 85 2.92 11.70 5.04
C LEU A 85 3.01 12.46 6.36
N ARG A 86 4.20 12.93 6.70
CA ARG A 86 4.36 13.61 7.99
C ARG A 86 3.55 14.91 8.06
N ASP A 87 3.12 15.43 6.92
CA ASP A 87 2.48 16.74 6.91
C ASP A 87 0.97 16.73 6.79
N VAL A 88 0.36 15.56 6.77
CA VAL A 88 -1.10 15.51 6.69
C VAL A 88 -1.70 15.25 8.05
N ASN A 89 -2.91 15.75 8.23
CA ASN A 89 -3.67 15.45 9.43
C ASN A 89 -4.61 14.29 9.17
N ILE A 90 -4.29 13.16 9.78
CA ILE A 90 -5.01 11.92 9.55
C ILE A 90 -6.49 11.99 9.95
N LYS A 91 -6.84 12.91 10.85
CA LYS A 91 -8.20 13.07 11.33
C LYS A 91 -9.19 13.36 10.19
N GLU A 92 -8.66 13.92 9.11
CA GLU A 92 -9.45 14.33 7.96
CA GLU A 92 -9.45 14.33 7.96
C GLU A 92 -9.90 13.15 7.10
N TYR A 93 -9.31 11.99 7.32
CA TYR A 93 -9.48 10.84 6.41
C TYR A 93 -10.28 9.69 7.01
N ASP A 94 -10.98 8.98 6.14
CA ASP A 94 -11.82 7.84 6.49
C ASP A 94 -11.12 6.52 6.20
N ALA A 95 -10.04 6.61 5.44
CA ALA A 95 -9.30 5.42 5.04
C ALA A 95 -7.87 5.79 4.73
N ILE A 96 -6.96 4.84 4.92
CA ILE A 96 -5.56 5.00 4.53
C ILE A 96 -5.19 3.75 3.73
N ILE A 97 -4.64 3.98 2.55
CA ILE A 97 -4.34 2.93 1.57
C ILE A 97 -2.87 2.97 1.18
N PHE A 98 -2.16 1.85 1.35
CA PHE A 98 -0.74 1.75 1.02
C PHE A 98 -0.49 1.01 -0.30
N ALA A 99 0.03 1.74 -1.28
CA ALA A 99 0.39 1.17 -2.57
C ALA A 99 1.70 0.39 -2.41
N GLY A 100 1.98 -0.50 -3.37
CA GLY A 100 3.17 -1.33 -3.31
C GLY A 100 4.29 -0.88 -4.25
N GLY A 101 5.04 -1.85 -4.75
CA GLY A 101 6.34 -1.61 -5.34
C GLY A 101 7.40 -2.00 -4.32
N HIS A 102 8.53 -2.50 -4.79
CA HIS A 102 9.56 -2.98 -3.88
C HIS A 102 10.16 -1.89 -2.98
N GLY A 103 10.06 -0.62 -3.40
CA GLY A 103 10.63 0.46 -2.60
C GLY A 103 10.11 0.46 -1.18
N THR A 104 8.85 0.06 -1.03
CA THR A 104 8.17 0.02 0.27
C THR A 104 8.91 -0.83 1.30
N MET A 105 9.66 -1.83 0.86
CA MET A 105 10.34 -2.74 1.78
C MET A 105 11.40 -2.01 2.60
N TRP A 106 11.87 -0.87 2.09
CA TRP A 106 12.95 -0.12 2.74
C TRP A 106 12.48 1.11 3.50
N ASP A 107 11.27 1.61 3.24
CA ASP A 107 10.82 2.79 4.01
C ASP A 107 9.42 2.71 4.61
N PHE A 108 8.70 1.61 4.44
CA PHE A 108 7.42 1.46 5.13
C PHE A 108 7.50 0.85 6.54
N PRO A 109 8.28 -0.24 6.72
CA PRO A 109 8.12 -1.03 7.96
C PRO A 109 8.33 -0.25 9.26
N ASN A 110 9.28 0.67 9.25
CA ASN A 110 9.69 1.32 10.49
C ASN A 110 9.29 2.79 10.54
N ASN A 111 8.40 3.20 9.65
CA ASN A 111 7.99 4.59 9.59
C ASN A 111 7.05 4.96 10.74
N ALA A 112 7.45 5.91 11.58
CA ALA A 112 6.65 6.29 12.75
C ALA A 112 5.30 6.88 12.37
N ASN A 113 5.26 7.66 11.30
CA ASN A 113 4.00 8.25 10.89
C ASN A 113 3.03 7.20 10.38
N ILE A 114 3.53 6.18 9.70
CA ILE A 114 2.65 5.08 9.32
C ILE A 114 2.06 4.46 10.58
N HIS A 115 2.91 4.17 11.55
CA HIS A 115 2.42 3.51 12.77
C HIS A 115 1.33 4.31 13.47
N SER A 116 1.57 5.61 13.68
CA SER A 116 0.60 6.42 14.42
C SER A 116 -0.66 6.69 13.59
N LYS A 117 -0.52 6.86 12.28
CA LYS A 117 -1.69 7.20 11.49
C LYS A 117 -2.58 5.98 11.23
N VAL A 118 -1.96 4.82 11.07
CA VAL A 118 -2.76 3.58 10.95
C VAL A 118 -3.53 3.36 12.25
N LEU A 119 -2.87 3.56 13.40
CA LEU A 119 -3.57 3.46 14.70
C LEU A 119 -4.76 4.39 14.77
N ASP A 120 -4.61 5.62 14.28
CA ASP A 120 -5.71 6.56 14.35
C ASP A 120 -6.91 6.08 13.53
N ILE A 121 -6.65 5.64 12.31
CA ILE A 121 -7.72 5.12 11.46
C ILE A 121 -8.36 3.86 12.07
N TYR A 122 -7.51 2.96 12.55
CA TYR A 122 -7.97 1.72 13.18
C TYR A 122 -8.87 1.97 14.39
N ALA A 123 -8.54 3.00 15.17
CA ALA A 123 -9.25 3.30 16.41
C ALA A 123 -10.67 3.77 16.17
N LYS A 124 -10.92 4.38 15.01
CA LYS A 124 -12.28 4.75 14.66
C LYS A 124 -12.89 3.77 13.67
N ASN A 125 -12.27 2.60 13.56
CA ASN A 125 -12.74 1.54 12.68
C ASN A 125 -12.89 2.00 11.24
N GLY A 126 -11.93 2.80 10.79
CA GLY A 126 -11.86 3.21 9.40
C GLY A 126 -11.20 2.11 8.61
N VAL A 127 -11.06 2.33 7.31
CA VAL A 127 -10.50 1.32 6.43
C VAL A 127 -9.00 1.48 6.31
N ILE A 128 -8.29 0.37 6.47
CA ILE A 128 -6.85 0.27 6.29
C ILE A 128 -6.58 -0.69 5.15
N GLY A 129 -6.02 -0.20 4.06
CA GLY A 129 -5.74 -1.02 2.90
C GLY A 129 -4.26 -1.09 2.57
N ALA A 130 -3.77 -2.24 2.11
CA ALA A 130 -2.39 -2.33 1.63
C ALA A 130 -2.29 -3.42 0.58
N ILE A 131 -1.48 -3.18 -0.46
CA ILE A 131 -1.38 -4.11 -1.59
C ILE A 131 0.08 -4.46 -1.91
N CSD A 132 0.34 -5.74 -2.21
CA CSD A 132 1.64 -6.18 -2.68
CB CSD A 132 1.98 -5.53 -4.03
SG CSD A 132 3.39 -5.92 -4.94
C CSD A 132 2.65 -5.99 -1.56
O CSD A 132 2.42 -6.35 -0.41
OD1 CSD A 132 3.09 -5.83 -6.30
OD2 CSD A 132 4.39 -5.01 -4.49
HA CSD A 132 1.57 -7.32 -2.83
HB2 CSD A 132 1.93 -4.42 -3.89
HB3 CSD A 132 1.10 -5.74 -4.73
N HIS A 133 3.79 -5.36 -1.86
CA HIS A 133 4.78 -5.09 -0.82
C HIS A 133 4.32 -3.97 0.12
N GLY A 134 3.30 -3.23 -0.27
CA GLY A 134 2.72 -2.19 0.58
C GLY A 134 2.25 -2.72 1.93
N VAL A 135 1.97 -4.02 1.99
CA VAL A 135 1.54 -4.63 3.24
C VAL A 135 2.67 -4.55 4.29
N ALA A 136 3.90 -4.27 3.85
CA ALA A 136 5.01 -4.01 4.78
C ALA A 136 4.68 -2.87 5.75
N ALA A 137 3.79 -1.98 5.34
CA ALA A 137 3.34 -0.88 6.21
C ALA A 137 2.70 -1.37 7.50
N LEU A 138 2.13 -2.57 7.49
CA LEU A 138 1.30 -3.03 8.61
C LEU A 138 2.00 -3.93 9.59
N ILE A 139 3.17 -4.44 9.21
CA ILE A 139 3.87 -5.44 10.03
C ILE A 139 4.08 -5.03 11.48
N ASN A 140 4.55 -3.79 11.70
CA ASN A 140 5.01 -3.32 13.01
C ASN A 140 4.08 -2.31 13.68
N VAL A 141 2.85 -2.18 13.19
CA VAL A 141 1.90 -1.29 13.82
C VAL A 141 1.42 -1.89 15.12
N LYS A 142 1.73 -1.25 16.25
CA LYS A 142 1.42 -1.78 17.57
C LYS A 142 0.49 -0.88 18.36
N ASP A 143 -0.38 -1.49 19.16
CA ASP A 143 -1.28 -0.78 20.05
C ASP A 143 -0.52 -0.30 21.29
N ASN A 144 -1.22 0.26 22.27
CA ASN A 144 -0.55 0.87 23.40
CA ASN A 144 -0.56 0.87 23.41
C ASN A 144 0.07 -0.15 24.36
N ASN A 145 -0.16 -1.42 24.12
CA ASN A 145 0.52 -2.47 24.89
C ASN A 145 1.63 -3.15 24.10
N GLY A 146 1.99 -2.56 22.97
CA GLY A 146 3.06 -3.10 22.18
C GLY A 146 2.68 -4.35 21.43
N GLN A 147 1.38 -4.64 21.31
CA GLN A 147 0.94 -5.80 20.55
C GLN A 147 0.59 -5.41 19.11
N ASN A 148 1.00 -6.23 18.15
CA ASN A 148 0.71 -5.94 16.75
CA ASN A 148 0.72 -5.95 16.75
C ASN A 148 -0.78 -5.99 16.44
N ILE A 149 -1.29 -4.96 15.77
CA ILE A 149 -2.73 -4.94 15.53
C ILE A 149 -3.15 -5.97 14.49
N ILE A 150 -2.23 -6.49 13.68
CA ILE A 150 -2.60 -7.53 12.72
C ILE A 150 -2.50 -8.93 13.29
N ARG A 151 -2.08 -9.09 14.55
CA ARG A 151 -2.05 -10.44 15.13
C ARG A 151 -3.45 -11.05 15.10
N ASP A 152 -3.50 -12.32 14.71
CA ASP A 152 -4.73 -13.11 14.63
C ASP A 152 -5.65 -12.68 13.49
N LYS A 153 -5.20 -11.78 12.63
CA LYS A 153 -6.02 -11.33 11.51
CA LYS A 153 -6.02 -11.33 11.51
C LYS A 153 -5.59 -11.99 10.21
N GLU A 154 -6.57 -12.26 9.35
CA GLU A 154 -6.30 -12.83 8.05
C GLU A 154 -5.81 -11.76 7.09
N VAL A 155 -4.60 -11.98 6.57
CA VAL A 155 -3.96 -11.06 5.65
C VAL A 155 -3.34 -11.81 4.48
N THR A 156 -3.04 -11.06 3.43
CA THR A 156 -2.16 -11.52 2.37
C THR A 156 -1.19 -10.40 2.02
N GLY A 157 -0.46 -10.57 0.93
CA GLY A 157 0.59 -9.66 0.52
C GLY A 157 1.49 -10.41 -0.44
N PHE A 158 2.47 -9.75 -1.04
CA PHE A 158 3.33 -10.36 -2.04
C PHE A 158 3.96 -11.65 -1.50
N SER A 159 3.77 -12.75 -2.21
CA SER A 159 4.10 -14.07 -1.67
C SER A 159 5.58 -14.40 -1.88
N ASN A 160 6.11 -15.31 -1.06
CA ASN A 160 7.48 -15.77 -1.24
C ASN A 160 7.69 -16.42 -2.61
N ASN A 161 6.66 -17.11 -3.07
CA ASN A 161 6.67 -17.74 -4.38
C ASN A 161 6.88 -16.70 -5.47
N GLU A 162 6.05 -15.66 -5.44
CA GLU A 162 6.14 -14.58 -6.41
C GLU A 162 7.51 -13.89 -6.31
N GLU A 163 7.99 -13.67 -5.09
CA GLU A 163 9.30 -13.05 -4.89
C GLU A 163 10.44 -13.89 -5.51
N LYS A 164 10.33 -15.21 -5.40
CA LYS A 164 11.31 -16.11 -6.00
C LYS A 164 11.24 -16.08 -7.53
N ILE A 165 10.03 -16.04 -8.08
CA ILE A 165 9.87 -15.97 -9.52
C ILE A 165 10.53 -14.74 -10.12
N VAL A 166 10.44 -13.59 -9.45
CA VAL A 166 11.03 -12.36 -9.98
C VAL A 166 12.50 -12.20 -9.58
N GLY A 167 13.03 -13.18 -8.84
CA GLY A 167 14.45 -13.25 -8.56
C GLY A 167 14.99 -12.28 -7.52
N LEU A 168 14.14 -11.85 -6.60
CA LEU A 168 14.54 -10.82 -5.63
C LEU A 168 14.50 -11.31 -4.19
N THR A 169 14.36 -12.61 -3.99
CA THR A 169 14.32 -13.19 -2.65
CA THR A 169 14.33 -13.19 -2.65
C THR A 169 15.54 -12.76 -1.83
N ASP A 170 16.69 -12.69 -2.49
CA ASP A 170 17.95 -12.37 -1.83
C ASP A 170 18.31 -10.88 -1.94
N VAL A 171 17.44 -10.08 -2.52
CA VAL A 171 17.67 -8.63 -2.62
C VAL A 171 16.85 -7.87 -1.59
N VAL A 172 15.61 -8.31 -1.36
CA VAL A 172 14.75 -7.65 -0.39
C VAL A 172 15.36 -7.84 1.00
N PRO A 173 15.15 -6.87 1.90
CA PRO A 173 15.80 -6.90 3.21
C PRO A 173 15.21 -7.94 4.17
N PHE A 174 14.03 -8.44 3.86
CA PHE A 174 13.35 -9.45 4.66
C PHE A 174 12.25 -10.02 3.78
N SER A 175 11.74 -11.19 4.15
CA SER A 175 10.60 -11.76 3.45
C SER A 175 9.32 -11.18 4.03
N LEU A 176 8.53 -10.54 3.19
CA LEU A 176 7.28 -9.96 3.63
C LEU A 176 6.33 -11.00 4.23
N GLU A 177 6.12 -12.10 3.51
CA GLU A 177 5.31 -13.18 4.01
C GLU A 177 5.78 -13.67 5.38
N ASP A 178 7.08 -13.92 5.51
CA ASP A 178 7.61 -14.44 6.76
C ASP A 178 7.38 -13.41 7.89
N SER A 179 7.54 -12.12 7.58
CA SER A 179 7.37 -11.07 8.60
C SER A 179 5.95 -10.95 9.08
N LEU A 180 4.99 -11.12 8.19
CA LEU A 180 3.57 -11.08 8.56
C LEU A 180 3.25 -12.25 9.49
N VAL A 181 3.81 -13.43 9.20
CA VAL A 181 3.63 -14.58 10.06
C VAL A 181 4.28 -14.33 11.42
N GLU A 182 5.51 -13.81 11.43
CA GLU A 182 6.15 -13.50 12.70
C GLU A 182 5.37 -12.49 13.54
N ALA A 183 4.68 -11.56 12.87
CA ALA A 183 3.88 -10.55 13.56
C ALA A 183 2.60 -11.13 14.19
N GLY A 184 2.29 -12.38 13.85
CA GLY A 184 1.14 -13.06 14.41
C GLY A 184 -0.07 -13.09 13.51
N ALA A 185 0.06 -12.55 12.30
CA ALA A 185 -1.04 -12.58 11.35
C ALA A 185 -1.23 -13.98 10.76
N LYS A 186 -2.43 -14.22 10.24
CA LYS A 186 -2.76 -15.45 9.52
C LYS A 186 -2.58 -15.16 8.05
N TYR A 187 -1.41 -15.50 7.52
CA TYR A 187 -1.06 -15.23 6.14
C TYR A 187 -1.56 -16.32 5.22
N SER A 188 -2.12 -15.91 4.09
CA SER A 188 -2.45 -16.84 3.01
C SER A 188 -2.22 -16.18 1.67
N SER A 189 -2.15 -16.99 0.61
CA SER A 189 -1.99 -16.47 -0.75
C SER A 189 -2.66 -17.38 -1.75
N ALA A 190 -3.03 -16.81 -2.88
CA ALA A 190 -3.50 -17.59 -4.00
C ALA A 190 -2.32 -17.96 -4.88
N SER A 191 -2.59 -18.71 -5.93
N SER A 191 -2.60 -18.70 -5.95
CA SER A 191 -1.57 -19.04 -6.90
CA SER A 191 -1.57 -19.06 -6.91
C SER A 191 -0.93 -17.79 -7.48
C SER A 191 -0.93 -17.79 -7.47
N GLU A 192 0.30 -17.89 -7.97
CA GLU A 192 1.04 -16.70 -8.44
C GLU A 192 0.29 -15.85 -9.49
N TRP A 193 0.33 -14.55 -9.27
CA TRP A 193 -0.24 -13.55 -10.18
C TRP A 193 -1.75 -13.65 -10.32
N GLN A 194 -2.38 -14.38 -9.41
CA GLN A 194 -3.83 -14.42 -9.32
C GLN A 194 -4.34 -13.35 -8.36
N SER A 195 -5.51 -12.79 -8.65
CA SER A 195 -6.12 -11.79 -7.79
C SER A 195 -6.53 -12.42 -6.47
N TYR A 196 -6.12 -11.79 -5.37
CA TYR A 196 -6.39 -12.32 -4.04
C TYR A 196 -6.44 -11.19 -3.03
N VAL A 197 -7.60 -11.06 -2.38
CA VAL A 197 -7.86 -10.00 -1.43
C VAL A 197 -8.43 -10.57 -0.14
N LYS A 198 -7.86 -10.12 0.97
CA LYS A 198 -8.33 -10.47 2.30
C LYS A 198 -8.89 -9.27 3.03
N SER A 199 -9.92 -9.48 3.83
CA SER A 199 -10.55 -8.42 4.60
CA SER A 199 -10.55 -8.42 4.61
C SER A 199 -10.87 -8.93 6.01
N ASP A 200 -10.28 -8.28 7.01
CA ASP A 200 -10.46 -8.67 8.39
C ASP A 200 -10.47 -7.41 9.24
N SER A 201 -11.60 -7.13 9.88
CA SER A 201 -11.72 -5.96 10.76
C SER A 201 -11.39 -4.65 10.03
N LYS A 202 -11.80 -4.56 8.77
CA LYS A 202 -11.58 -3.41 7.89
C LYS A 202 -10.10 -3.17 7.59
N ILE A 203 -9.29 -4.19 7.84
CA ILE A 203 -7.93 -4.24 7.31
C ILE A 203 -7.99 -5.07 6.04
N ILE A 204 -7.74 -4.43 4.91
CA ILE A 204 -7.90 -5.04 3.60
C ILE A 204 -6.53 -5.17 2.96
N THR A 205 -6.13 -6.38 2.67
CA THR A 205 -4.83 -6.61 2.05
C THR A 205 -5.00 -7.35 0.72
N ALA A 206 -4.06 -7.16 -0.18
CA ALA A 206 -4.12 -7.70 -1.53
C ALA A 206 -2.73 -8.18 -1.92
N GLN A 207 -2.68 -9.21 -2.76
CA GLN A 207 -1.45 -9.97 -2.93
C GLN A 207 -0.45 -9.37 -3.93
N ASN A 208 -0.94 -8.82 -5.04
CA ASN A 208 -0.09 -8.56 -6.20
C ASN A 208 -0.75 -7.51 -7.11
N PRO A 209 -0.04 -7.05 -8.15
CA PRO A 209 -0.63 -6.03 -9.01
C PRO A 209 -1.93 -6.51 -9.65
N GLN A 210 -2.04 -7.83 -9.85
CA GLN A 210 -3.21 -8.42 -10.48
C GLN A 210 -4.43 -8.37 -9.56
N SER A 211 -4.22 -7.98 -8.31
CA SER A 211 -5.30 -7.89 -7.32
C SER A 211 -5.87 -6.50 -7.18
N ALA A 212 -5.33 -5.53 -7.93
CA ALA A 212 -5.64 -4.13 -7.70
C ALA A 212 -7.13 -3.79 -7.85
N THR A 213 -7.77 -4.38 -8.86
CA THR A 213 -9.19 -4.11 -9.12
C THR A 213 -10.07 -4.54 -7.96
N ASP A 214 -9.93 -5.79 -7.54
CA ASP A 214 -10.76 -6.31 -6.47
C ASP A 214 -10.40 -5.67 -5.14
N PHE A 215 -9.14 -5.25 -5.01
CA PHE A 215 -8.67 -4.53 -3.84
C PHE A 215 -9.47 -3.24 -3.71
N ALA A 216 -9.53 -2.48 -4.80
CA ALA A 216 -10.26 -1.23 -4.81
C ALA A 216 -11.75 -1.44 -4.54
N LYS A 217 -12.31 -2.48 -5.14
CA LYS A 217 -13.71 -2.81 -4.92
C LYS A 217 -14.00 -3.03 -3.43
N ALA A 218 -13.14 -3.80 -2.79
CA ALA A 218 -13.29 -4.11 -1.37
C ALA A 218 -13.20 -2.85 -0.50
N ILE A 219 -12.25 -1.98 -0.83
CA ILE A 219 -12.09 -0.74 -0.10
C ILE A 219 -13.35 0.11 -0.21
N LYS A 220 -13.83 0.28 -1.44
CA LYS A 220 -14.93 1.20 -1.70
C LYS A 220 -16.17 0.75 -0.95
N GLN A 221 -16.39 -0.55 -0.93
CA GLN A 221 -17.53 -1.11 -0.22
C GLN A 221 -17.40 -0.92 1.29
N SER A 222 -16.20 -1.10 1.81
CA SER A 222 -15.96 -1.02 3.26
CA SER A 222 -15.96 -1.02 3.26
C SER A 222 -16.09 0.40 3.78
N LEU A 223 -15.94 1.39 2.90
CA LEU A 223 -16.12 2.80 3.28
C LEU A 223 -17.54 3.09 3.76
N PHE A 224 -18.48 2.25 3.37
CA PHE A 224 -19.89 2.45 3.70
C PHE A 224 -20.43 1.32 4.58
N ASN A 225 -21.51 1.60 5.30
CA ASN A 225 -22.09 0.63 6.23
C ASN A 225 -23.42 0.06 5.73
#